data_8PGO
#
_entry.id   8PGO
#
_cell.length_a   39.410
_cell.length_b   67.670
_cell.length_c   40.080
_cell.angle_alpha   90.000
_cell.angle_beta   93.390
_cell.angle_gamma   90.000
#
_symmetry.space_group_name_H-M   'P 1 21 1'
#
loop_
_entity.id
_entity.type
_entity.pdbx_description
1 polymer 'Beta-lactamase VIM-1'
2 non-polymer 'ZINC ION'
3 non-polymer '7-[(1~{S})-1-[2-(aminomethyl)-6-oxidanylidene-5-oxa-7-azaspiro[3.4]octan-7-yl]ethyl]-3-[3-fluoranyl-4-(methylsulfonylamino)phenyl]-1~{H}-indole-2-carboxylic acid'
4 water water
#
_entity_poly.entity_id   1
_entity_poly.type   'polypeptide(L)'
_entity_poly.pdbx_seq_one_letter_code
;MLKVISSLLVYMTASVMAVASPLAHSGEPSGEYPTVNEIPVGEVRLYQIADGVWSHIATQSFDGAVYPSNGLIVRDGDEL
LLIDTAWGAKNTAALLAEIEKQIGLPVTRAVSTHFHDDRVGGVDVLRAAGVATYASPSTRRLAEAEGNEIPTHSLEGLSS
SGDAVRFGPVELFYPGAAHSTDNLVVYVPSANVLYGGCAVHELSSTSAGNVADADLAEWPTSVERIQKHYPEAEVVIPGH
GLPGGLDLLQHTANVVKAHKNRSVAE
;
_entity_poly.pdbx_strand_id   A
#
loop_
_chem_comp.id
_chem_comp.type
_chem_comp.name
_chem_comp.formula
YUQ non-polymer '7-[(1~{S})-1-[2-(aminomethyl)-6-oxidanylidene-5-oxa-7-azaspiro[3.4]octan-7-yl]ethyl]-3-[3-fluoranyl-4-(methylsulfonylamino)phenyl]-1~{H}-indole-2-carboxylic acid' 'C25 H27 F N4 O6 S'
ZN non-polymer 'ZINC ION' 'Zn 2'
#
# COMPACT_ATOMS: atom_id res chain seq x y z
N SER A 30 15.07 3.30 -16.06
CA SER A 30 16.51 3.53 -15.95
C SER A 30 16.89 4.26 -14.66
N GLY A 31 16.17 4.00 -13.57
CA GLY A 31 16.55 4.48 -12.26
C GLY A 31 15.55 5.42 -11.62
N GLU A 32 14.77 6.13 -12.42
CA GLU A 32 13.73 7.00 -11.89
C GLU A 32 12.58 6.14 -11.36
N TYR A 33 11.73 6.73 -10.53
CA TYR A 33 10.62 5.94 -10.00
C TYR A 33 9.67 5.58 -11.15
N PRO A 34 9.23 4.30 -11.27
CA PRO A 34 8.44 3.84 -12.42
C PRO A 34 7.07 4.50 -12.43
N THR A 35 6.60 4.97 -13.62
N THR A 35 6.61 4.70 -13.64
CA THR A 35 5.40 5.82 -13.72
CA THR A 35 5.25 5.12 -13.90
C THR A 35 4.26 5.22 -14.55
C THR A 35 4.66 4.20 -14.95
N VAL A 36 3.03 5.78 -14.46
N VAL A 36 3.36 4.42 -15.19
CA VAL A 36 1.85 5.10 -14.99
CA VAL A 36 2.65 3.65 -16.20
C VAL A 36 2.00 4.82 -16.49
C VAL A 36 3.35 3.68 -17.54
N ASN A 37 2.38 5.84 -17.26
N ASN A 37 4.09 4.74 -17.85
CA ASN A 37 2.52 5.60 -18.69
CA ASN A 37 4.72 4.84 -19.17
C ASN A 37 3.77 4.79 -19.02
C ASN A 37 5.97 3.99 -19.30
N GLU A 38 4.61 4.51 -18.03
N GLU A 38 6.49 3.45 -18.21
CA GLU A 38 5.82 3.73 -18.26
CA GLU A 38 7.72 2.67 -18.21
C GLU A 38 5.65 2.24 -17.96
C GLU A 38 7.54 1.25 -17.71
N ILE A 39 4.51 1.83 -17.41
N ILE A 39 6.31 0.83 -17.47
CA ILE A 39 4.28 0.44 -17.00
CA ILE A 39 6.01 -0.54 -17.09
C ILE A 39 3.04 -0.06 -17.72
C ILE A 39 5.35 -1.21 -18.29
N PRO A 40 3.15 -0.97 -18.67
N PRO A 40 5.96 -2.22 -18.91
CA PRO A 40 1.94 -1.57 -19.26
CA PRO A 40 5.33 -2.88 -20.04
C PRO A 40 1.18 -2.34 -18.21
C PRO A 40 3.99 -3.49 -19.64
N VAL A 41 -0.15 -2.34 -18.32
N VAL A 41 3.15 -3.69 -20.66
CA VAL A 41 -0.93 -3.16 -17.41
CA VAL A 41 1.80 -4.17 -20.40
C VAL A 41 -0.53 -4.61 -17.58
C VAL A 41 1.82 -5.50 -19.65
N GLY A 42 -0.26 -5.27 -16.46
N GLY A 42 1.02 -5.56 -18.59
CA GLY A 42 0.25 -6.63 -16.43
CA GLY A 42 0.91 -6.76 -17.78
C GLY A 42 1.72 -6.79 -16.08
C GLY A 42 2.04 -7.00 -16.81
N GLU A 43 2.51 -5.73 -16.14
N GLU A 43 2.83 -5.97 -16.53
CA GLU A 43 3.93 -5.81 -15.86
CA GLU A 43 4.15 -6.03 -15.92
C GLU A 43 4.17 -5.21 -14.50
C GLU A 43 4.14 -5.40 -14.54
N VAL A 44 5.21 -5.68 -13.79
CA VAL A 44 5.49 -5.11 -12.48
C VAL A 44 6.94 -4.67 -12.43
N ARG A 45 7.16 -3.52 -11.77
N ARG A 45 7.20 -3.53 -11.80
CA ARG A 45 8.47 -2.96 -11.50
CA ARG A 45 8.57 -3.13 -11.57
C ARG A 45 8.73 -2.98 -10.01
C ARG A 45 8.78 -2.91 -10.09
N LEU A 46 10.00 -3.20 -9.64
CA LEU A 46 10.43 -2.98 -8.28
C LEU A 46 11.36 -1.77 -8.23
N TYR A 47 11.37 -1.11 -7.08
CA TYR A 47 12.22 0.06 -6.88
C TYR A 47 12.86 -0.05 -5.52
N GLN A 48 14.18 -0.05 -5.47
CA GLN A 48 14.87 -0.13 -4.18
C GLN A 48 14.71 1.17 -3.41
N ILE A 49 14.12 1.08 -2.23
CA ILE A 49 13.90 2.23 -1.37
C ILE A 49 15.03 2.43 -0.38
N ALA A 50 15.49 1.34 0.21
CA ALA A 50 16.53 1.32 1.24
C ALA A 50 17.06 -0.11 1.29
N ASP A 51 18.10 -0.35 2.08
CA ASP A 51 18.57 -1.71 2.25
CA ASP A 51 18.57 -1.71 2.25
C ASP A 51 17.43 -2.60 2.75
N GLY A 52 17.15 -3.65 2.01
CA GLY A 52 16.09 -4.57 2.37
C GLY A 52 14.69 -4.05 2.25
N VAL A 53 14.48 -2.95 1.52
CA VAL A 53 13.14 -2.40 1.33
C VAL A 53 12.98 -2.02 -0.13
N TRP A 54 11.93 -2.53 -0.78
CA TRP A 54 11.59 -2.18 -2.14
C TRP A 54 10.13 -1.74 -2.15
N SER A 55 9.77 -0.89 -3.11
CA SER A 55 8.38 -0.78 -3.49
C SER A 55 8.16 -1.61 -4.73
N HIS A 56 6.90 -2.00 -4.94
CA HIS A 56 6.46 -2.60 -6.18
C HIS A 56 5.44 -1.68 -6.81
N ILE A 57 5.47 -1.63 -8.14
CA ILE A 57 4.63 -0.72 -8.89
C ILE A 57 4.01 -1.50 -10.05
N ALA A 58 2.70 -1.36 -10.21
CA ALA A 58 1.98 -2.00 -11.29
C ALA A 58 0.90 -1.05 -11.76
N THR A 59 0.28 -1.38 -12.88
CA THR A 59 -0.76 -0.51 -13.42
CA THR A 59 -0.74 -0.54 -13.52
C THR A 59 -2.01 -1.35 -13.66
N GLN A 60 -3.16 -0.70 -13.52
CA GLN A 60 -4.42 -1.39 -13.70
C GLN A 60 -5.45 -0.41 -14.25
N SER A 61 -6.40 -0.96 -14.97
N SER A 61 -6.42 -0.94 -14.96
CA SER A 61 -7.55 -0.24 -15.48
CA SER A 61 -7.51 -0.13 -15.45
C SER A 61 -8.69 -0.32 -14.48
C SER A 61 -8.72 -0.31 -14.56
N PHE A 62 -9.41 0.80 -14.33
CA PHE A 62 -10.56 0.83 -13.45
C PHE A 62 -11.52 1.87 -14.01
N ASP A 63 -12.76 1.47 -14.31
CA ASP A 63 -13.74 2.39 -14.86
C ASP A 63 -13.18 3.15 -16.07
N GLY A 64 -12.40 2.45 -16.89
CA GLY A 64 -11.96 3.04 -18.15
C GLY A 64 -10.81 4.00 -18.07
N ALA A 65 -10.10 4.04 -16.95
CA ALA A 65 -8.88 4.83 -16.84
C ALA A 65 -7.80 3.93 -16.25
N VAL A 66 -6.55 4.28 -16.52
CA VAL A 66 -5.39 3.52 -16.10
C VAL A 66 -4.70 4.26 -14.96
N TYR A 67 -4.34 3.50 -13.92
CA TYR A 67 -3.73 4.05 -12.73
C TYR A 67 -2.53 3.21 -12.31
N PRO A 68 -1.48 3.81 -11.77
CA PRO A 68 -0.44 3.06 -11.10
C PRO A 68 -0.87 2.79 -9.66
N SER A 69 -0.15 1.86 -9.02
N SER A 69 -0.20 1.82 -9.03
CA SER A 69 -0.36 1.62 -7.60
CA SER A 69 -0.30 1.68 -7.60
C SER A 69 0.88 0.96 -7.02
C SER A 69 0.97 1.07 -7.06
N ASN A 70 1.20 1.31 -5.78
CA ASN A 70 2.38 0.84 -5.07
C ASN A 70 2.04 -0.24 -4.05
N GLY A 71 3.04 -1.04 -3.74
CA GLY A 71 3.12 -1.84 -2.55
C GLY A 71 4.53 -1.87 -2.02
N LEU A 72 4.78 -2.70 -1.02
CA LEU A 72 6.07 -2.75 -0.38
C LEU A 72 6.55 -4.19 -0.27
N ILE A 73 7.87 -4.35 -0.25
CA ILE A 73 8.53 -5.63 -0.03
C ILE A 73 9.62 -5.36 1.02
N VAL A 74 9.65 -6.16 2.08
CA VAL A 74 10.62 -5.93 3.16
C VAL A 74 11.31 -7.24 3.45
N ARG A 75 12.65 -7.23 3.36
N ARG A 75 12.64 -7.23 3.37
CA ARG A 75 13.42 -8.42 3.68
CA ARG A 75 13.40 -8.44 3.66
C ARG A 75 13.25 -8.80 5.15
C ARG A 75 13.25 -8.80 5.13
N ASP A 76 13.05 -10.09 5.37
CA ASP A 76 12.66 -10.70 6.67
C ASP A 76 13.59 -11.90 6.82
N GLY A 77 14.87 -11.62 7.03
CA GLY A 77 15.92 -12.64 7.02
C GLY A 77 16.23 -13.24 5.65
N ASP A 78 15.97 -14.52 5.48
CA ASP A 78 16.02 -15.15 4.16
C ASP A 78 14.63 -15.30 3.55
N GLU A 79 13.66 -14.56 4.06
CA GLU A 79 12.32 -14.54 3.48
C GLU A 79 11.92 -13.09 3.21
N LEU A 80 10.79 -12.90 2.57
CA LEU A 80 10.24 -11.59 2.28
C LEU A 80 8.84 -11.44 2.86
N LEU A 81 8.56 -10.24 3.36
CA LEU A 81 7.22 -9.80 3.74
C LEU A 81 6.73 -8.88 2.63
N LEU A 82 5.54 -9.18 2.12
CA LEU A 82 4.88 -8.37 1.10
C LEU A 82 3.81 -7.51 1.75
N ILE A 83 3.75 -6.24 1.36
CA ILE A 83 2.67 -5.35 1.74
C ILE A 83 1.91 -5.00 0.46
N ASP A 84 0.66 -5.46 0.42
CA ASP A 84 -0.32 -5.18 -0.64
C ASP A 84 -0.04 -5.97 -1.91
N THR A 85 -1.13 -6.38 -2.57
CA THR A 85 -1.02 -6.98 -3.88
C THR A 85 -0.68 -5.93 -4.93
N ALA A 86 -0.52 -6.41 -6.18
CA ALA A 86 -0.23 -5.55 -7.32
C ALA A 86 -1.48 -5.15 -8.09
N TRP A 87 -2.65 -5.24 -7.47
CA TRP A 87 -3.92 -4.80 -8.06
C TRP A 87 -4.33 -5.71 -9.19
N GLY A 88 -4.76 -6.89 -8.83
CA GLY A 88 -5.26 -7.84 -9.79
C GLY A 88 -4.51 -9.16 -9.75
N ALA A 89 -5.19 -10.19 -10.21
CA ALA A 89 -4.62 -11.53 -10.21
C ALA A 89 -3.39 -11.64 -11.11
N LYS A 90 -3.54 -11.24 -12.37
N LYS A 90 -3.52 -11.22 -12.36
CA LYS A 90 -2.42 -11.34 -13.29
CA LYS A 90 -2.39 -11.38 -13.25
C LYS A 90 -1.27 -10.47 -12.82
C LYS A 90 -1.25 -10.45 -12.86
N ASN A 91 -1.56 -9.24 -12.42
CA ASN A 91 -0.49 -8.37 -11.94
C ASN A 91 0.24 -9.01 -10.75
N THR A 92 -0.49 -9.65 -9.85
CA THR A 92 0.13 -10.23 -8.65
C THR A 92 0.96 -11.45 -9.02
N ALA A 93 0.52 -12.25 -9.98
CA ALA A 93 1.39 -13.32 -10.48
C ALA A 93 2.67 -12.73 -11.08
N ALA A 94 2.54 -11.63 -11.82
CA ALA A 94 3.71 -10.99 -12.39
C ALA A 94 4.61 -10.43 -11.30
N LEU A 95 4.02 -9.94 -10.20
CA LEU A 95 4.80 -9.45 -9.06
C LEU A 95 5.65 -10.57 -8.50
N LEU A 96 5.06 -11.73 -8.27
CA LEU A 96 5.83 -12.84 -7.72
C LEU A 96 6.98 -13.20 -8.66
N ALA A 97 6.73 -13.20 -9.97
CA ALA A 97 7.79 -13.52 -10.89
C ALA A 97 8.89 -12.47 -10.88
N GLU A 98 8.52 -11.20 -10.77
CA GLU A 98 9.52 -10.13 -10.73
C GLU A 98 10.36 -10.19 -9.46
N ILE A 99 9.72 -10.55 -8.34
CA ILE A 99 10.45 -10.75 -7.09
C ILE A 99 11.47 -11.88 -7.24
N GLU A 100 11.06 -12.98 -7.87
CA GLU A 100 11.97 -14.09 -8.04
C GLU A 100 13.15 -13.70 -8.91
N LYS A 101 12.90 -12.89 -9.93
CA LYS A 101 13.94 -12.46 -10.84
C LYS A 101 14.90 -11.49 -10.16
N GLN A 102 14.38 -10.52 -9.41
CA GLN A 102 15.19 -9.42 -8.91
C GLN A 102 15.76 -9.68 -7.53
N ILE A 103 15.10 -10.49 -6.71
CA ILE A 103 15.47 -10.67 -5.32
C ILE A 103 15.79 -12.13 -5.01
N GLY A 104 14.92 -13.05 -5.43
CA GLY A 104 15.21 -14.46 -5.33
C GLY A 104 15.05 -15.04 -3.96
N LEU A 105 14.31 -14.39 -3.08
CA LEU A 105 13.93 -14.91 -1.78
C LEU A 105 12.43 -15.13 -1.76
N PRO A 106 11.96 -16.11 -1.01
CA PRO A 106 10.53 -16.43 -1.05
C PRO A 106 9.69 -15.44 -0.28
N VAL A 107 8.55 -15.08 -0.85
CA VAL A 107 7.54 -14.32 -0.13
C VAL A 107 6.76 -15.29 0.74
N THR A 108 6.82 -15.11 2.06
CA THR A 108 6.15 -16.05 2.95
C THR A 108 4.88 -15.49 3.57
N ARG A 109 4.76 -14.17 3.68
CA ARG A 109 3.63 -13.54 4.31
C ARG A 109 3.31 -12.26 3.56
N ALA A 110 2.02 -11.90 3.56
CA ALA A 110 1.57 -10.66 2.96
C ALA A 110 0.56 -10.03 3.88
N VAL A 111 0.60 -8.70 3.96
CA VAL A 111 -0.39 -7.90 4.68
C VAL A 111 -1.06 -6.97 3.68
N SER A 112 -2.39 -6.91 3.69
CA SER A 112 -3.14 -5.96 2.91
C SER A 112 -3.58 -4.82 3.81
N THR A 113 -3.36 -3.59 3.33
CA THR A 113 -3.53 -2.42 4.19
C THR A 113 -4.92 -1.78 4.12
N HIS A 114 -5.78 -2.18 3.19
CA HIS A 114 -7.21 -1.92 3.28
C HIS A 114 -7.89 -2.86 2.29
N PHE A 115 -9.22 -2.75 2.19
CA PHE A 115 -10.03 -3.79 1.55
C PHE A 115 -10.18 -3.65 0.05
N HIS A 116 -9.71 -2.56 -0.56
CA HIS A 116 -9.92 -2.32 -1.98
C HIS A 116 -9.05 -3.26 -2.83
N ASP A 117 -9.45 -3.36 -4.09
CA ASP A 117 -8.83 -4.30 -5.01
C ASP A 117 -7.36 -4.01 -5.28
N ASP A 118 -6.91 -2.77 -5.12
CA ASP A 118 -5.50 -2.49 -5.28
C ASP A 118 -4.66 -2.95 -4.09
N ARG A 119 -5.28 -3.51 -3.07
CA ARG A 119 -4.63 -4.00 -1.87
C ARG A 119 -4.83 -5.49 -1.68
N VAL A 120 -6.04 -6.00 -2.01
CA VAL A 120 -6.37 -7.41 -1.83
C VAL A 120 -6.55 -8.15 -3.14
N GLY A 121 -6.68 -7.46 -4.29
CA GLY A 121 -6.92 -8.19 -5.53
C GLY A 121 -5.62 -8.84 -5.95
N GLY A 122 -5.60 -10.17 -5.90
CA GLY A 122 -4.37 -10.93 -6.00
C GLY A 122 -4.12 -11.79 -4.80
N VAL A 123 -4.90 -11.63 -3.72
CA VAL A 123 -4.72 -12.48 -2.55
C VAL A 123 -4.97 -13.95 -2.87
N ASP A 124 -5.90 -14.26 -3.77
CA ASP A 124 -6.09 -15.67 -4.13
C ASP A 124 -4.84 -16.22 -4.80
N VAL A 125 -4.24 -15.46 -5.72
CA VAL A 125 -2.97 -15.85 -6.33
C VAL A 125 -1.91 -16.08 -5.26
N LEU A 126 -1.80 -15.16 -4.31
CA LEU A 126 -0.79 -15.31 -3.27
C LEU A 126 -1.01 -16.58 -2.46
N ARG A 127 -2.26 -16.79 -2.06
N ARG A 127 -2.25 -16.81 -2.06
CA ARG A 127 -2.60 -17.93 -1.22
CA ARG A 127 -2.53 -17.94 -1.21
C ARG A 127 -2.32 -19.25 -1.94
C ARG A 127 -2.27 -19.26 -1.95
N ALA A 128 -2.55 -19.30 -3.26
CA ALA A 128 -2.23 -20.50 -4.05
C ALA A 128 -0.74 -20.67 -4.31
N ALA A 129 0.04 -19.61 -4.17
CA ALA A 129 1.49 -19.69 -4.19
C ALA A 129 2.06 -19.98 -2.81
N GLY A 130 1.23 -20.29 -1.83
CA GLY A 130 1.68 -20.65 -0.51
C GLY A 130 1.98 -19.47 0.41
N VAL A 131 1.69 -18.24 0.02
CA VAL A 131 1.90 -17.07 0.87
C VAL A 131 0.78 -17.01 1.89
N ALA A 132 1.12 -16.80 3.16
CA ALA A 132 0.12 -16.60 4.20
C ALA A 132 -0.32 -15.14 4.14
N THR A 133 -1.62 -14.90 4.00
CA THR A 133 -2.16 -13.57 3.79
C THR A 133 -2.90 -13.10 5.05
N TYR A 134 -2.70 -11.83 5.36
CA TYR A 134 -3.16 -11.23 6.59
C TYR A 134 -3.81 -9.87 6.32
N ALA A 135 -4.77 -9.51 7.18
CA ALA A 135 -5.35 -8.18 7.19
C ALA A 135 -6.10 -8.02 8.50
N SER A 136 -6.41 -6.78 8.86
CA SER A 136 -7.21 -6.58 10.06
C SER A 136 -8.58 -7.20 9.90
N PRO A 137 -9.26 -7.50 11.01
CA PRO A 137 -10.63 -7.99 10.90
C PRO A 137 -11.53 -7.00 10.20
N SER A 138 -11.33 -5.70 10.40
N SER A 138 -11.31 -5.70 10.39
CA SER A 138 -12.10 -4.70 9.69
CA SER A 138 -12.09 -4.69 9.69
C SER A 138 -11.94 -4.83 8.18
C SER A 138 -11.93 -4.82 8.18
N THR A 139 -10.70 -4.95 7.72
CA THR A 139 -10.45 -5.14 6.30
C THR A 139 -11.09 -6.41 5.80
N ARG A 140 -10.96 -7.52 6.55
CA ARG A 140 -11.54 -8.77 6.09
C ARG A 140 -13.05 -8.68 5.97
N ARG A 141 -13.72 -8.03 6.92
N ARG A 141 -13.71 -8.04 6.93
CA ARG A 141 -15.17 -7.89 6.86
CA ARG A 141 -15.16 -7.89 6.86
C ARG A 141 -15.59 -7.04 5.67
C ARG A 141 -15.57 -7.05 5.66
N LEU A 142 -14.86 -5.95 5.42
CA LEU A 142 -15.21 -5.08 4.31
C LEU A 142 -14.98 -5.76 2.98
N ALA A 143 -13.86 -6.47 2.85
CA ALA A 143 -13.59 -7.19 1.62
C ALA A 143 -14.68 -8.22 1.36
N GLU A 144 -15.03 -9.00 2.39
CA GLU A 144 -16.07 -10.01 2.24
C GLU A 144 -17.38 -9.37 1.81
N ALA A 145 -17.78 -8.28 2.46
CA ALA A 145 -19.07 -7.70 2.18
C ALA A 145 -19.12 -7.16 0.77
N GLU A 146 -18.02 -6.67 0.27
N GLU A 146 -18.01 -6.61 0.26
CA GLU A 146 -18.02 -6.02 -1.02
CA GLU A 146 -18.01 -5.99 -1.05
C GLU A 146 -17.65 -6.94 -2.17
C GLU A 146 -17.65 -6.94 -2.19
N GLY A 147 -17.27 -8.18 -1.89
CA GLY A 147 -16.94 -9.11 -2.93
C GLY A 147 -15.50 -9.04 -3.42
N ASN A 148 -14.61 -8.51 -2.60
CA ASN A 148 -13.20 -8.52 -2.92
C ASN A 148 -12.54 -9.74 -2.30
N GLU A 149 -11.32 -10.02 -2.72
CA GLU A 149 -10.62 -11.20 -2.22
C GLU A 149 -10.28 -10.99 -0.74
N ILE A 150 -10.26 -12.08 -0.01
CA ILE A 150 -10.25 -12.00 1.44
C ILE A 150 -8.98 -12.61 2.00
N PRO A 151 -8.11 -11.84 2.64
CA PRO A 151 -6.93 -12.40 3.31
C PRO A 151 -7.34 -13.45 4.33
N THR A 152 -6.47 -14.42 4.56
CA THR A 152 -6.81 -15.56 5.39
C THR A 152 -6.82 -15.25 6.88
N HIS A 153 -5.85 -14.52 7.36
CA HIS A 153 -5.57 -14.40 8.78
C HIS A 153 -5.89 -13.01 9.26
N SER A 154 -6.47 -12.92 10.44
CA SER A 154 -6.84 -11.66 11.05
C SER A 154 -5.74 -11.10 11.92
N LEU A 155 -5.51 -9.80 11.78
CA LEU A 155 -4.55 -9.05 12.57
C LEU A 155 -5.28 -8.30 13.68
N GLU A 156 -5.25 -8.87 14.88
CA GLU A 156 -5.83 -8.26 16.06
C GLU A 156 -4.90 -7.17 16.58
N GLY A 157 -5.40 -6.40 17.53
CA GLY A 157 -4.58 -5.39 18.14
C GLY A 157 -4.47 -4.09 17.40
N LEU A 158 -5.34 -3.88 16.39
CA LEU A 158 -5.28 -2.73 15.52
C LEU A 158 -6.63 -2.01 15.43
N SER A 159 -7.56 -2.28 16.33
CA SER A 159 -8.91 -1.79 16.14
C SER A 159 -9.14 -0.37 16.64
N SER A 160 -8.26 0.20 17.44
N SER A 160 -8.25 0.17 17.45
CA SER A 160 -8.41 1.56 17.94
CA SER A 160 -8.35 1.51 18.00
C SER A 160 -7.34 2.45 17.33
C SER A 160 -7.32 2.41 17.31
N SER A 161 -7.73 3.66 16.90
N SER A 161 -7.72 3.65 17.03
CA SER A 161 -6.75 4.55 16.31
CA SER A 161 -6.80 4.61 16.45
C SER A 161 -5.60 4.79 17.29
C SER A 161 -5.58 4.77 17.35
N GLY A 162 -4.40 4.79 16.73
CA GLY A 162 -3.17 4.84 17.49
C GLY A 162 -2.58 3.49 17.84
N ASP A 163 -3.30 2.39 17.59
CA ASP A 163 -2.78 1.09 17.84
C ASP A 163 -1.64 0.75 16.91
N ALA A 164 -0.69 -0.02 17.44
CA ALA A 164 0.43 -0.51 16.67
C ALA A 164 0.77 -1.92 17.12
N VAL A 165 1.22 -2.72 16.18
CA VAL A 165 1.68 -4.07 16.46
C VAL A 165 2.88 -4.36 15.58
N ARG A 166 3.73 -5.29 16.02
CA ARG A 166 4.85 -5.71 15.21
C ARG A 166 4.47 -6.90 14.33
N PHE A 167 5.04 -6.92 13.12
CA PHE A 167 4.78 -7.99 12.17
C PHE A 167 6.09 -8.17 11.41
N GLY A 168 6.89 -9.16 11.82
CA GLY A 168 8.18 -9.34 11.18
C GLY A 168 8.97 -8.06 11.28
N PRO A 169 9.58 -7.63 10.18
CA PRO A 169 10.45 -6.45 10.18
C PRO A 169 9.72 -5.12 10.12
N VAL A 170 8.40 -5.10 10.29
CA VAL A 170 7.67 -3.85 10.24
C VAL A 170 6.83 -3.67 11.49
N GLU A 171 6.37 -2.43 11.66
CA GLU A 171 5.30 -2.07 12.58
C GLU A 171 4.09 -1.72 11.74
N LEU A 172 2.95 -2.25 12.12
CA LEU A 172 1.65 -1.90 11.54
C LEU A 172 0.98 -0.92 12.49
N PHE A 173 0.37 0.12 11.92
CA PHE A 173 -0.22 1.19 12.71
C PHE A 173 -1.58 1.54 12.12
N TYR A 174 -2.58 1.65 12.98
CA TYR A 174 -3.91 2.06 12.54
C TYR A 174 -4.09 3.52 12.91
N PRO A 175 -4.12 4.45 11.95
CA PRO A 175 -4.15 5.87 12.29
C PRO A 175 -5.54 6.41 12.51
N GLY A 176 -6.57 5.64 12.23
CA GLY A 176 -7.93 6.13 12.13
C GLY A 176 -8.40 6.19 10.69
N ALA A 177 -9.68 6.50 10.53
CA ALA A 177 -10.28 6.53 9.21
C ALA A 177 -9.66 7.64 8.36
N ALA A 178 -9.47 7.35 7.07
CA ALA A 178 -8.87 8.33 6.17
C ALA A 178 -9.39 8.03 4.77
N HIS A 179 -8.55 7.47 3.92
CA HIS A 179 -8.97 6.97 2.62
C HIS A 179 -10.07 5.93 2.75
N SER A 180 -9.96 5.10 3.77
CA SER A 180 -10.97 4.12 4.11
C SER A 180 -11.00 3.99 5.63
N THR A 181 -12.04 3.36 6.17
N THR A 181 -12.05 3.34 6.14
CA THR A 181 -12.11 3.27 7.62
CA THR A 181 -12.19 3.21 7.58
C THR A 181 -11.07 2.31 8.18
C THR A 181 -11.18 2.24 8.18
N ASP A 182 -10.63 1.35 7.36
CA ASP A 182 -9.75 0.29 7.81
C ASP A 182 -8.28 0.52 7.45
N ASN A 183 -7.93 1.62 6.83
CA ASN A 183 -6.58 1.75 6.31
C ASN A 183 -5.51 1.66 7.38
N LEU A 184 -4.48 0.87 7.08
CA LEU A 184 -3.30 0.71 7.91
C LEU A 184 -2.11 1.37 7.25
N VAL A 185 -1.15 1.72 8.11
N VAL A 185 -1.18 1.84 8.08
CA VAL A 185 0.14 2.30 7.75
CA VAL A 185 0.13 2.25 7.58
C VAL A 185 1.21 1.33 8.21
C VAL A 185 1.18 1.31 8.13
N VAL A 186 2.34 1.30 7.49
CA VAL A 186 3.40 0.36 7.77
C VAL A 186 4.70 1.13 7.92
N TYR A 187 5.45 0.87 8.99
CA TYR A 187 6.74 1.51 9.22
C TYR A 187 7.81 0.44 9.25
N VAL A 188 8.93 0.72 8.59
CA VAL A 188 10.09 -0.18 8.59
C VAL A 188 11.12 0.49 9.48
N PRO A 189 11.24 0.09 10.75
CA PRO A 189 12.09 0.85 11.66
C PRO A 189 13.57 0.80 11.30
N SER A 190 14.04 -0.30 10.70
CA SER A 190 15.47 -0.41 10.35
C SER A 190 15.88 0.68 9.37
N ALA A 191 14.93 1.15 8.56
CA ALA A 191 15.22 2.08 7.48
C ALA A 191 14.49 3.40 7.58
N ASN A 192 13.69 3.60 8.61
CA ASN A 192 12.84 4.78 8.73
C ASN A 192 12.00 5.04 7.50
N VAL A 193 11.43 3.97 6.97
CA VAL A 193 10.54 4.06 5.81
C VAL A 193 9.10 3.98 6.28
N LEU A 194 8.31 4.98 5.92
CA LEU A 194 6.90 5.01 6.23
C LEU A 194 6.12 4.75 4.94
N TYR A 195 5.43 3.64 4.91
CA TYR A 195 4.54 3.27 3.82
C TYR A 195 3.14 3.68 4.24
N GLY A 196 2.66 4.78 3.65
CA GLY A 196 1.37 5.29 4.05
C GLY A 196 0.19 4.61 3.43
N GLY A 197 0.40 3.83 2.39
CA GLY A 197 -0.73 3.31 1.68
C GLY A 197 -1.62 4.43 1.16
N CYS A 198 -2.89 4.12 0.94
CA CYS A 198 -3.75 5.07 0.26
C CYS A 198 -4.23 6.20 1.16
N ALA A 199 -3.93 6.16 2.44
CA ALA A 199 -4.12 7.32 3.32
C ALA A 199 -3.15 8.45 3.04
N VAL A 200 -2.12 8.21 2.24
CA VAL A 200 -1.12 9.23 1.92
C VAL A 200 -1.03 9.36 0.40
N HIS A 201 -1.06 10.61 -0.06
CA HIS A 201 -0.95 10.94 -1.47
C HIS A 201 0.40 11.53 -1.81
N GLU A 202 0.76 11.40 -3.09
CA GLU A 202 2.01 11.93 -3.58
C GLU A 202 1.95 13.45 -3.69
N LEU A 203 3.13 14.05 -3.73
CA LEU A 203 3.18 15.52 -3.73
C LEU A 203 2.53 16.16 -4.96
N SER A 204 2.62 15.52 -6.12
CA SER A 204 2.08 16.14 -7.31
C SER A 204 0.56 16.07 -7.36
N SER A 205 -0.04 15.36 -6.40
N SER A 205 -0.04 15.34 -6.44
CA SER A 205 -1.49 15.22 -6.36
CA SER A 205 -1.48 15.19 -6.49
C SER A 205 -2.13 16.60 -6.29
C SER A 205 -2.16 16.54 -6.29
N THR A 206 -3.14 16.81 -7.14
CA THR A 206 -3.98 17.99 -7.07
C THR A 206 -5.40 17.60 -6.69
N SER A 207 -5.62 16.34 -6.37
N SER A 207 -5.63 16.33 -6.38
CA SER A 207 -6.91 15.87 -5.91
CA SER A 207 -6.91 15.87 -5.91
C SER A 207 -6.65 14.80 -4.85
C SER A 207 -6.65 14.78 -4.88
N ALA A 208 -7.72 14.34 -4.23
CA ALA A 208 -7.63 13.37 -3.15
C ALA A 208 -7.92 11.94 -3.62
N GLY A 209 -7.71 11.65 -4.91
CA GLY A 209 -7.82 10.29 -5.39
C GLY A 209 -9.26 9.78 -5.36
N ASN A 210 -9.40 8.49 -5.14
CA ASN A 210 -10.71 7.87 -5.12
C ASN A 210 -11.23 7.90 -3.68
N VAL A 211 -12.18 8.79 -3.44
CA VAL A 211 -12.68 9.05 -2.10
C VAL A 211 -13.98 8.31 -1.81
N ALA A 212 -14.34 7.34 -2.65
CA ALA A 212 -15.65 6.71 -2.52
C ALA A 212 -15.91 6.22 -1.11
N ASP A 213 -14.90 5.65 -0.44
CA ASP A 213 -15.07 5.05 0.87
C ASP A 213 -14.36 5.83 1.97
N ALA A 214 -14.01 7.08 1.70
CA ALA A 214 -13.19 7.87 2.59
C ALA A 214 -14.02 8.55 3.67
N ASP A 215 -13.33 9.03 4.69
CA ASP A 215 -13.88 9.91 5.72
C ASP A 215 -13.06 11.20 5.66
N LEU A 216 -13.54 12.16 4.85
CA LEU A 216 -12.76 13.37 4.63
C LEU A 216 -12.62 14.19 5.90
N ALA A 217 -13.61 14.13 6.80
CA ALA A 217 -13.54 14.90 8.04
C ALA A 217 -12.50 14.33 9.01
N GLU A 218 -12.38 13.00 9.08
CA GLU A 218 -11.44 12.39 10.01
C GLU A 218 -10.04 12.31 9.43
N TRP A 219 -9.91 12.28 8.11
CA TRP A 219 -8.61 12.08 7.46
C TRP A 219 -7.53 13.00 7.99
N PRO A 220 -7.71 14.31 8.11
N PRO A 220 -7.72 14.31 8.12
CA PRO A 220 -6.61 15.12 8.65
CA PRO A 220 -6.60 15.13 8.66
C PRO A 220 -6.21 14.73 10.06
C PRO A 220 -6.19 14.70 10.05
N THR A 221 -7.16 14.32 10.90
CA THR A 221 -6.83 13.87 12.24
C THR A 221 -6.01 12.60 12.19
N SER A 222 -6.35 11.70 11.29
CA SER A 222 -5.59 10.47 11.12
C SER A 222 -4.19 10.74 10.62
N VAL A 223 -4.04 11.68 9.69
CA VAL A 223 -2.70 12.05 9.24
C VAL A 223 -1.89 12.67 10.38
N GLU A 224 -2.52 13.52 11.19
N GLU A 224 -2.52 13.51 11.19
CA GLU A 224 -1.83 14.09 12.35
CA GLU A 224 -1.81 14.08 12.33
C GLU A 224 -1.31 12.99 13.27
C GLU A 224 -1.30 12.97 13.25
N ARG A 225 -2.08 11.90 13.41
CA ARG A 225 -1.61 10.80 14.25
C ARG A 225 -0.37 10.15 13.65
N ILE A 226 -0.36 9.98 12.32
CA ILE A 226 0.82 9.43 11.66
C ILE A 226 2.02 10.33 11.90
N GLN A 227 1.84 11.63 11.68
CA GLN A 227 2.92 12.58 11.86
C GLN A 227 3.50 12.51 13.27
N LYS A 228 2.62 12.41 14.26
CA LYS A 228 3.06 12.37 15.65
C LYS A 228 3.80 11.08 15.95
N HIS A 229 3.35 9.97 15.38
CA HIS A 229 3.91 8.68 15.72
C HIS A 229 5.22 8.38 15.00
N TYR A 230 5.42 8.94 13.81
CA TYR A 230 6.60 8.64 12.99
C TYR A 230 7.36 9.88 12.57
N PRO A 231 7.84 10.66 13.53
CA PRO A 231 8.52 11.93 13.21
C PRO A 231 9.88 11.74 12.60
N GLU A 232 10.46 10.53 12.67
N GLU A 232 10.47 10.54 12.67
CA GLU A 232 11.78 10.26 12.12
CA GLU A 232 11.79 10.29 12.12
C GLU A 232 11.73 9.62 10.74
C GLU A 232 11.73 9.61 10.75
N ALA A 233 10.54 9.52 10.16
CA ALA A 233 10.45 8.92 8.84
C ALA A 233 11.30 9.69 7.85
N GLU A 234 12.06 8.96 7.04
CA GLU A 234 12.92 9.56 6.03
C GLU A 234 12.38 9.45 4.62
N VAL A 235 11.67 8.38 4.32
CA VAL A 235 10.99 8.13 3.07
C VAL A 235 9.54 7.86 3.43
N VAL A 236 8.64 8.50 2.68
CA VAL A 236 7.22 8.30 2.80
C VAL A 236 6.73 7.84 1.44
N ILE A 237 6.06 6.70 1.41
CA ILE A 237 5.57 6.08 0.17
C ILE A 237 4.05 6.16 0.15
N PRO A 238 3.45 6.77 -0.86
CA PRO A 238 2.00 6.84 -0.96
C PRO A 238 1.46 5.56 -1.58
N GLY A 239 0.15 5.38 -1.48
CA GLY A 239 -0.46 4.22 -2.12
C GLY A 239 -0.38 4.22 -3.63
N HIS A 240 -0.33 5.40 -4.22
CA HIS A 240 -0.23 5.59 -5.66
C HIS A 240 0.73 6.76 -5.87
N GLY A 241 1.70 6.59 -6.77
CA GLY A 241 2.56 7.69 -7.15
C GLY A 241 3.92 7.68 -6.45
N LEU A 242 4.59 8.83 -6.50
CA LEU A 242 6.02 8.87 -6.21
C LEU A 242 6.29 9.00 -4.71
N PRO A 243 7.25 8.26 -4.17
CA PRO A 243 7.69 8.51 -2.80
C PRO A 243 8.33 9.88 -2.65
N GLY A 244 8.37 10.35 -1.42
CA GLY A 244 9.09 11.55 -1.04
C GLY A 244 9.41 11.49 0.42
N GLY A 245 9.39 12.65 1.06
CA GLY A 245 9.66 12.78 2.46
C GLY A 245 8.41 13.05 3.27
N LEU A 246 8.62 13.56 4.50
CA LEU A 246 7.51 13.82 5.41
C LEU A 246 6.51 14.82 4.83
N ASP A 247 6.90 15.65 3.86
CA ASP A 247 5.97 16.63 3.28
C ASP A 247 4.73 15.96 2.71
N LEU A 248 4.81 14.70 2.31
CA LEU A 248 3.63 14.04 1.76
C LEU A 248 2.50 14.03 2.76
N LEU A 249 2.80 13.95 4.06
CA LEU A 249 1.74 13.90 5.05
C LEU A 249 0.94 15.20 5.10
N GLN A 250 1.62 16.33 5.29
CA GLN A 250 0.90 17.59 5.30
C GLN A 250 0.21 17.86 3.97
N HIS A 251 0.88 17.53 2.87
CA HIS A 251 0.26 17.72 1.56
C HIS A 251 -1.04 16.94 1.47
N THR A 252 -1.04 15.70 1.97
CA THR A 252 -2.26 14.90 1.93
C THR A 252 -3.37 15.57 2.70
N ALA A 253 -3.07 16.03 3.92
CA ALA A 253 -4.09 16.73 4.69
C ALA A 253 -4.62 17.92 3.91
N ASN A 254 -3.74 18.63 3.22
CA ASN A 254 -4.16 19.80 2.45
C ASN A 254 -5.08 19.43 1.30
N VAL A 255 -4.71 18.43 0.50
CA VAL A 255 -5.55 18.10 -0.65
C VAL A 255 -6.89 17.53 -0.21
N VAL A 256 -6.92 16.83 0.92
CA VAL A 256 -8.17 16.27 1.42
C VAL A 256 -9.09 17.41 1.88
N LYS A 257 -8.54 18.37 2.65
CA LYS A 257 -9.33 19.51 3.13
C LYS A 257 -9.86 20.33 1.96
N ALA A 258 -9.09 20.44 0.88
CA ALA A 258 -9.54 21.20 -0.29
C ALA A 258 -10.64 20.45 -1.04
N HIS A 259 -10.54 19.13 -1.09
CA HIS A 259 -11.60 18.32 -1.69
C HIS A 259 -12.88 18.47 -0.89
N LYS A 260 -12.78 18.35 0.43
CA LYS A 260 -13.94 18.48 1.32
C LYS A 260 -14.53 19.88 1.25
N ASN A 261 -13.69 20.91 1.34
CA ASN A 261 -14.12 22.30 1.28
C ASN A 261 -14.46 22.67 -0.16
ZN ZN B . -8.57 2.29 -1.71
ZN ZN C . -5.61 3.22 -3.44
C10 YUQ D . -7.35 5.79 -6.77
C10 YUQ D . -7.39 5.77 -6.80
C01 YUQ D . -9.41 0.24 -6.44
C01 YUQ D . -9.55 0.20 -6.58
C02 YUQ D . -9.53 1.63 -5.94
C02 YUQ D . -9.54 1.58 -6.00
C03 YUQ D . -9.18 2.71 -7.00
C03 YUQ D . -9.14 2.66 -7.04
C04 YUQ D . -8.41 3.84 -6.63
C04 YUQ D . -8.44 3.81 -6.61
C06 YUQ D . -7.27 5.29 -5.48
C06 YUQ D . -7.36 5.35 -5.47
C07 YUQ D . -6.73 5.90 -4.24
C07 YUQ D . -6.74 6.09 -4.28
C11 YUQ D . -6.67 7.06 -7.24
C11 YUQ D . -6.81 7.05 -7.43
C12 YUQ D . -7.16 7.92 -8.19
C12 YUQ D . -7.62 7.81 -8.25
C13 YUQ D . -6.41 9.06 -8.53
C13 YUQ D . -7.13 8.97 -8.84
C14 YUQ D . -5.18 9.27 -7.92
C14 YUQ D . -5.79 9.33 -8.59
C17 YUQ D . -4.46 11.75 -5.72
C17 YUQ D . -7.15 12.22 -10.24
C20 YUQ D . -4.69 8.40 -6.98
C20 YUQ D . -5.00 8.56 -7.78
C22 YUQ D . -5.43 7.28 -6.68
C22 YUQ D . -5.49 7.41 -7.20
C23 YUQ D . -8.07 4.85 -7.53
C23 YUQ D . -8.09 4.78 -7.53
C24 YUQ D . -8.48 4.77 -8.89
C24 YUQ D . -8.43 4.65 -8.87
C25 YUQ D . -9.23 3.67 -9.26
C25 YUQ D . -9.14 3.52 -9.29
C26 YUQ D . -9.58 2.65 -8.33
C26 YUQ D . -9.50 2.53 -8.38
C28 YUQ D . -12.14 1.66 -6.08
C28 YUQ D . -12.13 1.63 -6.05
C29 YUQ D . -13.16 2.20 -5.12
C29 YUQ D . -13.15 2.17 -5.10
C30 YUQ D . -14.43 2.78 -5.66
C30 YUQ D . -14.37 2.78 -5.71
C31 YUQ D . -15.22 1.95 -4.68
C31 YUQ D . -15.21 1.97 -4.74
C32 YUQ D . -16.33 1.16 -5.26
C32 YUQ D . -16.33 1.27 -5.40
C34 YUQ D . -13.96 1.17 -4.40
C34 YUQ D . -14.01 1.12 -4.46
C36 YUQ D . -11.06 2.88 -4.43
C36 YUQ D . -11.07 2.85 -4.40
F21 YUQ D . -3.49 8.57 -6.34
F21 YUQ D . -3.71 8.94 -7.56
N05 YUQ D . -7.89 4.13 -5.42
N05 YUQ D . -7.98 4.18 -5.40
N15 YUQ D . -4.39 10.46 -8.23
N15 YUQ D . -5.16 10.52 -9.14
N27 YUQ D . -10.85 1.93 -5.45
N27 YUQ D . -10.85 1.97 -5.50
N33 YUQ D . -17.55 1.94 -5.32
N33 YUQ D . -17.21 0.70 -4.41
O08 YUQ D . -6.34 5.15 -3.34
O08 YUQ D . -6.27 5.44 -3.31
O09 YUQ D . -6.93 7.14 -4.11
O09 YUQ D . -6.71 7.35 -4.27
O18 YUQ D . -4.19 13.05 -8.04
O18 YUQ D . -4.61 12.07 -11.15
O19 YUQ D . -6.30 12.13 -7.71
O19 YUQ D . -5.86 10.28 -11.69
O35 YUQ D . -12.43 3.09 -4.28
O35 YUQ D . -12.47 3.00 -4.18
O37 YUQ D . -10.21 3.47 -3.83
O37 YUQ D . -10.23 3.39 -3.76
S16 YUQ D . -4.88 11.90 -7.48
S16 YUQ D . -5.68 11.22 -10.60
H011 YUQ D . -8.40 0.09 -6.84
H011 YUQ D . -8.58 -0.03 -7.01
H013 YUQ D . -10.13 0.08 -7.24
H013 YUQ D . -10.30 0.15 -7.36
H012 YUQ D . -9.59 -0.46 -5.63
H012 YUQ D . -9.77 -0.52 -5.80
H021 YUQ D . -8.80 1.67 -5.14
H021 YUQ D . -8.80 1.54 -5.21
H121 YUQ D . -8.11 7.72 -8.67
H121 YUQ D . -8.65 7.51 -8.42
H131 YUQ D . -6.80 9.76 -9.26
H131 YUQ D . -7.76 9.59 -9.48
H173 YUQ D . -5.22 12.25 -5.12
H173 YUQ D . -6.85 13.19 -9.84
H172 YUQ D . -3.50 12.21 -5.53
H172 YUQ D . -7.77 11.70 -9.51
H171 YUQ D . -4.44 10.70 -5.44
H171 YUQ D . -7.72 12.36 -11.15
H221 YUQ D . -5.03 6.55 -5.98
H221 YUQ D . -4.86 6.80 -6.57
H241 YUQ D . -8.21 5.53 -9.60
H241 YUQ D . -8.15 5.41 -9.59
H251 YUQ D . -9.57 3.58 -10.28
H251 YUQ D . -9.41 3.41 -10.33
H261 YUQ D . -10.18 1.81 -8.67
H261 YUQ D . -10.04 1.66 -8.71
H282 YUQ D . -12.28 0.59 -6.20
H282 YUQ D . -12.23 0.56 -6.14
H281 YUQ D . -12.21 2.16 -7.04
H281 YUQ D . -12.24 2.11 -7.03
H302 YUQ D . -14.61 2.50 -6.70
H302 YUQ D . -14.52 2.49 -6.74
H301 YUQ D . -14.52 3.85 -5.48
H301 YUQ D . -14.44 3.84 -5.54
H311 YUQ D . -15.55 2.53 -3.82
H311 YUQ D . -15.53 2.53 -3.86
H321 YUQ D . -16.50 0.28 -4.65
H321 YUQ D . -15.93 0.48 -6.03
H322 YUQ D . -16.05 0.84 -6.26
H322 YUQ D . -16.89 1.97 -6.01
H342 YUQ D . -13.72 1.13 -3.34
H342 YUQ D . -13.82 1.02 -3.39
H341 YUQ D . -13.95 0.21 -4.88
H341 YUQ D . -14.02 0.18 -5.00
H051 YUQ D . -7.95 3.56 -4.60
H051 YUQ D . -8.09 3.64 -4.56
H151 YUQ D . -3.61 10.43 -8.85
H151 YUQ D . -4.40 10.94 -8.64
H332 YUQ D . -17.48 2.71 -4.69
H332 YUQ D . -16.73 0.62 -3.53
H331 YUQ D . -17.69 2.27 -6.25
H331 YUQ D . -18.01 1.28 -4.29
#